data_2AIE
#
_entry.id   2AIE
#
_cell.length_a   49.672
_cell.length_b   49.672
_cell.length_c   92.161
_cell.angle_alpha   90.00
_cell.angle_beta   90.00
_cell.angle_gamma   90.00
#
_symmetry.space_group_name_H-M   'P 43'
#
loop_
_entity.id
_entity.type
_entity.pdbx_description
1 polymer 'Peptide deformylase'
2 non-polymer 'NICKEL (II) ION'
3 non-polymer 'SULFATE ION'
4 non-polymer HYDROXY[3-(6-METHYLPYRIDIN-2-YL)PROPYL]FORMAMIDE
5 water water
#
_entity_poly.entity_id   1
_entity_poly.type   'polypeptide(L)'
_entity_poly.pdbx_seq_one_letter_code
;MSAIERIVKAAHLIDMCDIIREGNPSLRTVAEEVTFPLSDQEIILGEKMMQFLKHSQDPVMAEKMGLRGGVGLAAPQLDI
SKRIIAVLVPNIVEEGETPQEAYDLEAIMYNPKIVSHSVQDAALGEGEGCLSVDRNVPGYVVRHARVTVDYFDKDGEKHR
IKLKGYNSIVVQHEIDHINGIMFYDRINEKDPFAVKDGLLILE
;
_entity_poly.pdbx_strand_id   P
#
loop_
_chem_comp.id
_chem_comp.type
_chem_comp.name
_chem_comp.formula
NI non-polymer 'NICKEL (II) ION' 'Ni 2'
SB9 non-polymer HYDROXY[3-(6-METHYLPYRIDIN-2-YL)PROPYL]FORMAMIDE 'C10 H14 N2 O2'
SO4 non-polymer 'SULFATE ION' 'O4 S -2'
#
# COMPACT_ATOMS: atom_id res chain seq x y z
N SER A 2 -6.92 1.30 -21.79
CA SER A 2 -5.83 0.74 -20.94
C SER A 2 -5.54 1.65 -19.76
N ALA A 3 -5.88 1.19 -18.56
CA ALA A 3 -5.68 1.95 -17.34
C ALA A 3 -4.26 2.52 -17.20
N ILE A 4 -3.26 1.67 -17.43
CA ILE A 4 -1.88 2.14 -17.30
C ILE A 4 -1.52 3.16 -18.37
N GLU A 5 -2.06 3.01 -19.58
CA GLU A 5 -1.74 3.95 -20.65
C GLU A 5 -2.32 5.34 -20.39
N ARG A 6 -3.54 5.41 -19.86
CA ARG A 6 -4.14 6.71 -19.58
C ARG A 6 -3.60 7.35 -18.31
N ILE A 7 -3.34 6.54 -17.29
CA ILE A 7 -2.81 7.06 -16.04
C ILE A 7 -1.39 7.60 -16.17
N VAL A 8 -0.61 7.03 -17.09
CA VAL A 8 0.77 7.48 -17.27
C VAL A 8 0.96 8.59 -18.30
N LYS A 9 -0.14 9.14 -18.82
CA LYS A 9 -0.04 10.26 -19.76
C LYS A 9 0.52 11.42 -18.93
N ALA A 10 1.38 12.24 -19.53
CA ALA A 10 1.97 13.35 -18.80
C ALA A 10 0.97 14.24 -18.08
N ALA A 11 -0.14 14.55 -18.73
CA ALA A 11 -1.14 15.44 -18.16
C ALA A 11 -2.04 14.83 -17.08
N HIS A 12 -2.01 13.51 -16.94
CA HIS A 12 -2.88 12.86 -15.96
C HIS A 12 -2.45 12.97 -14.51
N LEU A 13 -3.42 13.33 -13.67
CA LEU A 13 -3.20 13.43 -12.23
C LEU A 13 -4.05 12.35 -11.61
N ILE A 14 -3.42 11.46 -10.85
CA ILE A 14 -4.19 10.39 -10.22
C ILE A 14 -5.09 11.01 -9.15
N ASP A 15 -6.36 10.65 -9.18
CA ASP A 15 -7.31 11.15 -8.18
C ASP A 15 -8.22 10.00 -7.76
N MET A 16 -9.14 10.27 -6.85
CA MET A 16 -10.04 9.23 -6.36
C MET A 16 -10.79 8.50 -7.46
N CYS A 17 -11.01 9.16 -8.59
CA CYS A 17 -11.72 8.54 -9.70
C CYS A 17 -10.95 7.39 -10.36
N ASP A 18 -9.65 7.33 -10.13
CA ASP A 18 -8.80 6.28 -10.69
C ASP A 18 -8.76 5.05 -9.79
N ILE A 19 -9.17 5.23 -8.54
CA ILE A 19 -9.14 4.15 -7.55
C ILE A 19 -10.40 3.31 -7.54
N ILE A 20 -10.27 2.03 -7.84
CA ILE A 20 -11.42 1.12 -7.85
C ILE A 20 -11.82 0.76 -6.43
N ARG A 21 -13.06 0.29 -6.27
CA ARG A 21 -13.58 -0.07 -4.96
C ARG A 21 -13.93 -1.55 -4.87
N GLU A 22 -14.35 -1.98 -3.68
CA GLU A 22 -14.73 -3.37 -3.44
C GLU A 22 -15.63 -3.93 -4.53
N GLY A 23 -15.57 -5.24 -4.73
CA GLY A 23 -16.39 -5.88 -5.74
C GLY A 23 -15.66 -6.04 -7.05
N ASN A 24 -14.84 -5.04 -7.39
CA ASN A 24 -14.08 -5.10 -8.62
C ASN A 24 -13.12 -6.28 -8.50
N PRO A 25 -13.25 -7.29 -9.37
CA PRO A 25 -12.42 -8.50 -9.39
C PRO A 25 -10.93 -8.25 -9.23
N SER A 26 -10.44 -7.13 -9.77
CA SER A 26 -9.02 -6.82 -9.69
C SER A 26 -8.46 -6.79 -8.28
N LEU A 27 -9.25 -6.33 -7.32
CA LEU A 27 -8.76 -6.25 -5.95
C LEU A 27 -8.56 -7.63 -5.31
N ARG A 28 -9.06 -8.68 -5.96
CA ARG A 28 -8.91 -10.03 -5.45
C ARG A 28 -8.05 -10.91 -6.37
N THR A 29 -7.39 -10.28 -7.33
CA THR A 29 -6.54 -11.00 -8.27
C THR A 29 -5.07 -10.86 -7.90
N VAL A 30 -4.29 -11.93 -8.04
CA VAL A 30 -2.87 -11.86 -7.72
C VAL A 30 -2.15 -11.13 -8.86
N ALA A 31 -1.52 -10.00 -8.54
CA ALA A 31 -0.83 -9.19 -9.54
C ALA A 31 0.41 -9.86 -10.13
N GLU A 32 0.70 -9.54 -11.38
CA GLU A 32 1.84 -10.11 -12.08
C GLU A 32 3.13 -9.34 -11.84
N GLU A 33 4.23 -10.08 -11.71
CA GLU A 33 5.54 -9.48 -11.50
C GLU A 33 5.95 -8.65 -12.72
N VAL A 34 6.68 -7.57 -12.49
CA VAL A 34 7.15 -6.76 -13.61
C VAL A 34 8.52 -7.31 -13.99
N THR A 35 8.90 -7.15 -15.26
CA THR A 35 10.19 -7.63 -15.70
C THR A 35 11.15 -6.47 -15.92
N PHE A 36 12.45 -6.75 -15.85
CA PHE A 36 13.46 -5.73 -16.04
C PHE A 36 14.23 -5.95 -17.32
N PRO A 37 14.57 -4.85 -18.03
CA PRO A 37 14.25 -3.47 -17.63
C PRO A 37 12.79 -3.10 -17.68
N LEU A 38 12.41 -2.11 -16.86
CA LEU A 38 11.04 -1.63 -16.82
C LEU A 38 10.76 -0.80 -18.06
N SER A 39 9.50 -0.72 -18.45
CA SER A 39 9.11 0.12 -19.58
C SER A 39 9.00 1.53 -19.00
N ASP A 40 8.96 2.53 -19.87
CA ASP A 40 8.83 3.90 -19.39
C ASP A 40 7.51 4.02 -18.64
N GLN A 41 6.46 3.37 -19.16
CA GLN A 41 5.15 3.45 -18.50
C GLN A 41 5.17 2.88 -17.09
N GLU A 42 5.91 1.81 -16.88
CA GLU A 42 6.00 1.21 -15.55
C GLU A 42 6.71 2.13 -14.58
N ILE A 43 7.71 2.87 -15.07
CA ILE A 43 8.44 3.82 -14.23
C ILE A 43 7.54 5.01 -13.92
N ILE A 44 6.89 5.54 -14.95
CA ILE A 44 5.99 6.66 -14.80
C ILE A 44 4.85 6.33 -13.86
N LEU A 45 4.31 5.12 -13.96
CA LEU A 45 3.21 4.74 -13.07
C LEU A 45 3.62 4.85 -11.61
N GLY A 46 4.81 4.36 -11.30
CA GLY A 46 5.27 4.42 -9.91
C GLY A 46 5.40 5.86 -9.47
N GLU A 47 5.90 6.72 -10.35
CA GLU A 47 6.07 8.13 -10.03
C GLU A 47 4.72 8.80 -9.82
N LYS A 48 3.74 8.44 -10.64
CA LYS A 48 2.38 9.00 -10.53
C LYS A 48 1.76 8.59 -9.20
N MET A 49 2.01 7.35 -8.80
CA MET A 49 1.48 6.83 -7.55
C MET A 49 2.04 7.59 -6.35
N MET A 50 3.35 7.87 -6.37
CA MET A 50 3.96 8.59 -5.27
C MET A 50 3.45 10.03 -5.27
N GLN A 51 3.24 10.60 -6.46
CA GLN A 51 2.73 11.96 -6.57
C GLN A 51 1.35 12.05 -5.93
N PHE A 52 0.55 11.01 -6.13
CA PHE A 52 -0.79 10.97 -5.55
C PHE A 52 -0.70 11.02 -4.03
N LEU A 53 0.15 10.18 -3.45
CA LEU A 53 0.31 10.15 -2.01
C LEU A 53 0.75 11.49 -1.44
N LYS A 54 1.68 12.16 -2.11
CA LYS A 54 2.16 13.45 -1.65
C LYS A 54 1.03 14.49 -1.76
N HIS A 55 0.23 14.37 -2.80
CA HIS A 55 -0.89 15.28 -3.00
C HIS A 55 -1.93 15.06 -1.90
N SER A 56 -2.25 13.80 -1.65
CA SER A 56 -3.24 13.43 -0.64
C SER A 56 -2.85 13.87 0.76
N GLN A 57 -1.56 14.10 0.97
CA GLN A 57 -1.06 14.51 2.28
C GLN A 57 -0.87 16.03 2.36
N ASP A 58 -1.27 16.72 1.29
CA ASP A 58 -1.15 18.17 1.23
C ASP A 58 -2.54 18.77 1.44
N PRO A 59 -2.70 19.56 2.51
CA PRO A 59 -3.99 20.20 2.84
C PRO A 59 -4.65 20.88 1.66
N VAL A 60 -3.97 21.86 1.08
CA VAL A 60 -4.53 22.59 -0.05
C VAL A 60 -4.77 21.70 -1.26
N MET A 61 -3.74 20.96 -1.68
CA MET A 61 -3.87 20.08 -2.84
C MET A 61 -4.94 19.02 -2.62
N ALA A 62 -4.91 18.37 -1.45
CA ALA A 62 -5.89 17.34 -1.14
C ALA A 62 -7.30 17.91 -1.22
N GLU A 63 -7.46 19.15 -0.78
CA GLU A 63 -8.77 19.81 -0.82
C GLU A 63 -9.20 20.08 -2.26
N LYS A 64 -8.30 20.67 -3.05
CA LYS A 64 -8.60 20.97 -4.44
C LYS A 64 -8.97 19.73 -5.24
N MET A 65 -8.23 18.65 -5.03
CA MET A 65 -8.46 17.41 -5.75
C MET A 65 -9.48 16.49 -5.10
N GLY A 66 -9.94 16.83 -3.90
CA GLY A 66 -10.92 16.00 -3.21
C GLY A 66 -10.38 14.61 -2.95
N LEU A 67 -9.17 14.53 -2.44
CA LEU A 67 -8.52 13.25 -2.16
C LEU A 67 -8.60 12.82 -0.70
N ARG A 68 -8.58 11.50 -0.49
CA ARG A 68 -8.59 10.92 0.85
C ARG A 68 -7.14 10.75 1.25
N GLY A 69 -6.79 11.22 2.44
CA GLY A 69 -5.42 11.10 2.91
C GLY A 69 -4.94 9.66 2.94
N GLY A 70 -3.64 9.47 2.69
CA GLY A 70 -3.11 8.12 2.71
C GLY A 70 -1.59 8.05 2.72
N VAL A 71 -1.08 6.89 3.12
CA VAL A 71 0.36 6.65 3.19
C VAL A 71 0.78 5.45 2.32
N GLY A 72 -0.16 4.90 1.57
CA GLY A 72 0.15 3.76 0.72
C GLY A 72 -0.80 3.59 -0.44
N LEU A 73 -0.31 3.02 -1.53
CA LEU A 73 -1.11 2.76 -2.72
C LEU A 73 -0.48 1.63 -3.53
N ALA A 74 -1.32 0.73 -4.03
CA ALA A 74 -0.85 -0.40 -4.82
C ALA A 74 -1.47 -0.33 -6.20
N ALA A 75 -0.72 -0.74 -7.23
CA ALA A 75 -1.21 -0.68 -8.60
C ALA A 75 -2.58 -1.32 -8.82
N PRO A 76 -2.87 -2.45 -8.16
CA PRO A 76 -4.19 -3.07 -8.34
C PRO A 76 -5.36 -2.16 -8.01
N GLN A 77 -5.13 -1.18 -7.12
CA GLN A 77 -6.17 -0.23 -6.74
C GLN A 77 -6.48 0.74 -7.88
N LEU A 78 -5.64 0.74 -8.90
CA LEU A 78 -5.82 1.61 -10.06
C LEU A 78 -6.24 0.72 -11.23
N ASP A 79 -6.60 -0.51 -10.90
CA ASP A 79 -7.01 -1.52 -11.86
C ASP A 79 -5.86 -1.97 -12.75
N ILE A 80 -4.65 -1.93 -12.22
CA ILE A 80 -3.44 -2.33 -12.95
C ILE A 80 -2.82 -3.50 -12.20
N SER A 81 -3.00 -4.70 -12.73
CA SER A 81 -2.51 -5.91 -12.08
C SER A 81 -1.01 -6.14 -12.20
N LYS A 82 -0.23 -5.23 -11.62
CA LYS A 82 1.23 -5.31 -11.61
C LYS A 82 1.70 -5.18 -10.17
N ARG A 83 2.79 -5.86 -9.83
CA ARG A 83 3.32 -5.84 -8.49
C ARG A 83 4.15 -4.58 -8.25
N ILE A 84 3.43 -3.47 -8.09
CA ILE A 84 4.05 -2.16 -7.88
C ILE A 84 3.29 -1.49 -6.75
N ILE A 85 4.02 -0.95 -5.78
CA ILE A 85 3.39 -0.25 -4.67
C ILE A 85 4.19 1.00 -4.34
N ALA A 86 3.53 1.96 -3.67
CA ALA A 86 4.17 3.19 -3.26
C ALA A 86 3.82 3.41 -1.80
N VAL A 87 4.80 3.82 -1.00
CA VAL A 87 4.56 4.06 0.42
C VAL A 87 5.18 5.39 0.81
N LEU A 88 4.46 6.14 1.65
CA LEU A 88 4.93 7.45 2.08
C LEU A 88 4.43 7.76 3.48
N VAL A 89 5.28 7.57 4.47
CA VAL A 89 4.93 7.85 5.86
C VAL A 89 5.66 9.09 6.35
N PRO A 90 4.92 10.15 6.69
CA PRO A 90 5.52 11.40 7.17
C PRO A 90 6.08 11.29 8.59
N ASN A 91 7.12 12.08 8.85
CA ASN A 91 7.73 12.09 10.18
C ASN A 91 6.73 12.84 11.05
N ILE A 92 6.37 12.28 12.20
CA ILE A 92 5.40 12.92 13.09
C ILE A 92 6.10 13.76 14.14
N GLU A 101 13.27 13.61 8.31
CA GLU A 101 13.63 14.72 7.43
C GLU A 101 12.37 15.40 6.91
N ALA A 102 11.31 14.62 6.78
CA ALA A 102 10.02 15.09 6.28
C ALA A 102 9.18 13.83 6.20
N TYR A 103 9.78 12.79 5.64
CA TYR A 103 9.13 11.50 5.50
C TYR A 103 9.98 10.45 6.20
N ASP A 104 9.34 9.64 7.03
CA ASP A 104 10.02 8.58 7.75
C ASP A 104 10.33 7.45 6.77
N LEU A 105 9.44 7.29 5.79
CA LEU A 105 9.60 6.28 4.76
C LEU A 105 9.00 6.74 3.44
N GLU A 106 9.78 6.66 2.37
CA GLU A 106 9.31 7.05 1.05
C GLU A 106 9.89 6.04 0.07
N ALA A 107 9.04 5.27 -0.58
CA ALA A 107 9.54 4.29 -1.52
C ALA A 107 8.55 3.83 -2.56
N ILE A 108 9.05 3.64 -3.79
CA ILE A 108 8.24 3.10 -4.88
C ILE A 108 8.91 1.74 -5.02
N MET A 109 8.15 0.68 -4.78
CA MET A 109 8.68 -0.68 -4.82
C MET A 109 8.15 -1.55 -5.95
N TYR A 110 9.06 -2.15 -6.69
CA TYR A 110 8.70 -3.06 -7.78
C TYR A 110 9.00 -4.47 -7.28
N ASN A 111 8.05 -5.38 -7.49
CA ASN A 111 8.15 -6.77 -7.05
C ASN A 111 8.58 -6.90 -5.58
N PRO A 112 7.89 -6.19 -4.67
CA PRO A 112 8.24 -6.28 -3.25
C PRO A 112 7.90 -7.66 -2.72
N LYS A 113 8.71 -8.15 -1.80
CA LYS A 113 8.49 -9.47 -1.22
C LYS A 113 8.98 -9.56 0.22
N ILE A 114 8.17 -10.16 1.09
CA ILE A 114 8.56 -10.35 2.47
C ILE A 114 9.46 -11.58 2.46
N VAL A 115 10.70 -11.43 2.90
CA VAL A 115 11.65 -12.55 2.91
C VAL A 115 11.90 -13.08 4.31
N SER A 116 11.43 -12.36 5.31
CA SER A 116 11.55 -12.78 6.69
C SER A 116 10.56 -12.00 7.54
N HIS A 117 10.06 -12.65 8.59
CA HIS A 117 9.11 -11.99 9.46
C HIS A 117 9.19 -12.57 10.86
N SER A 118 8.82 -11.75 11.84
CA SER A 118 8.84 -12.12 13.24
C SER A 118 7.69 -13.06 13.61
N VAL A 119 7.89 -13.84 14.67
CA VAL A 119 6.86 -14.74 15.16
C VAL A 119 5.80 -13.82 15.77
N GLN A 120 6.27 -12.78 16.43
CA GLN A 120 5.38 -11.81 17.07
C GLN A 120 4.50 -11.10 16.02
N ASP A 121 3.25 -10.89 16.38
CA ASP A 121 2.29 -10.20 15.51
C ASP A 121 2.09 -8.78 16.02
N ALA A 122 1.47 -7.93 15.19
CA ALA A 122 1.20 -6.56 15.59
C ALA A 122 -0.05 -6.06 14.86
N ALA A 123 -0.68 -5.05 15.43
CA ALA A 123 -1.87 -4.45 14.83
C ALA A 123 -2.04 -3.04 15.36
N LEU A 124 -2.45 -2.13 14.48
CA LEU A 124 -2.67 -0.75 14.90
C LEU A 124 -3.89 -0.75 15.81
N GLY A 125 -3.79 -0.07 16.94
CA GLY A 125 -4.92 -0.02 17.86
C GLY A 125 -6.11 0.72 17.30
N GLU A 126 -5.86 1.58 16.32
CA GLU A 126 -6.95 2.36 15.72
C GLU A 126 -7.55 1.61 14.54
N GLY A 127 -7.08 0.39 14.31
CA GLY A 127 -7.58 -0.39 13.19
C GLY A 127 -7.02 0.13 11.88
N GLU A 128 -7.63 -0.27 10.77
CA GLU A 128 -7.17 0.17 9.44
C GLU A 128 -8.32 0.57 8.53
N GLY A 129 -7.97 1.31 7.48
CA GLY A 129 -8.93 1.75 6.48
C GLY A 129 -8.31 1.47 5.13
N CYS A 130 -9.06 1.69 4.06
CA CYS A 130 -8.56 1.44 2.71
C CYS A 130 -9.24 2.39 1.72
N LEU A 131 -8.46 2.91 0.77
CA LEU A 131 -8.99 3.83 -0.23
C LEU A 131 -10.03 3.14 -1.11
N SER A 132 -9.91 1.82 -1.22
CA SER A 132 -10.84 1.05 -2.03
C SER A 132 -12.04 0.55 -1.23
N VAL A 133 -12.10 0.94 0.04
CA VAL A 133 -13.20 0.53 0.91
C VAL A 133 -13.94 1.76 1.42
N ASP A 134 -15.14 1.98 0.88
CA ASP A 134 -15.96 3.12 1.26
C ASP A 134 -16.89 2.80 2.42
N ARG A 135 -16.29 2.38 3.52
CA ARG A 135 -17.02 2.02 4.74
C ARG A 135 -15.99 1.73 5.82
N ASN A 136 -16.44 1.74 7.07
CA ASN A 136 -15.55 1.47 8.19
C ASN A 136 -15.74 0.04 8.66
N VAL A 137 -14.63 -0.65 8.93
CA VAL A 137 -14.67 -2.02 9.42
C VAL A 137 -13.80 -2.08 10.66
N PRO A 138 -14.42 -2.07 11.85
CA PRO A 138 -13.68 -2.13 13.11
C PRO A 138 -12.94 -3.44 13.32
N GLY A 139 -11.93 -3.40 14.18
CA GLY A 139 -11.16 -4.60 14.47
C GLY A 139 -9.67 -4.45 14.29
N TYR A 140 -8.93 -5.26 15.03
CA TYR A 140 -7.48 -5.25 14.94
C TYR A 140 -7.07 -6.06 13.71
N VAL A 141 -6.30 -5.44 12.82
CA VAL A 141 -5.84 -6.10 11.62
C VAL A 141 -4.50 -6.77 11.99
N VAL A 142 -4.54 -8.08 12.21
CA VAL A 142 -3.37 -8.85 12.62
C VAL A 142 -2.31 -9.05 11.53
N ARG A 143 -1.13 -8.50 11.79
CA ARG A 143 -0.03 -8.59 10.83
C ARG A 143 1.26 -9.02 11.54
N HIS A 144 2.35 -9.10 10.79
CA HIS A 144 3.64 -9.46 11.38
C HIS A 144 4.15 -8.20 12.03
N ALA A 145 4.75 -8.32 13.21
CA ALA A 145 5.27 -7.13 13.89
C ALA A 145 6.43 -6.55 13.09
N ARG A 146 7.36 -7.43 12.70
CA ARG A 146 8.54 -7.03 11.93
C ARG A 146 8.66 -7.80 10.63
N VAL A 147 9.13 -7.12 9.59
CA VAL A 147 9.32 -7.78 8.31
C VAL A 147 10.58 -7.30 7.62
N THR A 148 11.19 -8.19 6.87
CA THR A 148 12.36 -7.85 6.07
C THR A 148 11.78 -7.92 4.68
N VAL A 149 11.90 -6.84 3.91
CA VAL A 149 11.34 -6.78 2.57
C VAL A 149 12.37 -6.51 1.48
N ASP A 150 12.30 -7.30 0.43
CA ASP A 150 13.16 -7.18 -0.74
C ASP A 150 12.30 -6.52 -1.82
N TYR A 151 12.89 -5.62 -2.60
CA TYR A 151 12.19 -5.00 -3.70
C TYR A 151 13.22 -4.40 -4.65
N PHE A 152 12.76 -4.01 -5.84
CA PHE A 152 13.64 -3.41 -6.82
C PHE A 152 13.19 -2.00 -7.09
N ASP A 153 14.14 -1.10 -7.35
CA ASP A 153 13.78 0.27 -7.65
C ASP A 153 13.64 0.38 -9.18
N LYS A 154 13.33 1.57 -9.65
CA LYS A 154 13.14 1.79 -11.09
C LYS A 154 14.34 1.38 -11.96
N ASP A 155 15.53 1.42 -11.38
CA ASP A 155 16.74 1.06 -12.11
C ASP A 155 17.08 -0.42 -12.04
N GLY A 156 16.18 -1.21 -11.47
CA GLY A 156 16.42 -2.64 -11.36
C GLY A 156 17.37 -2.99 -10.24
N GLU A 157 17.64 -2.00 -9.38
CA GLU A 157 18.52 -2.20 -8.24
C GLU A 157 17.75 -2.86 -7.10
N LYS A 158 18.35 -3.87 -6.50
CA LYS A 158 17.72 -4.60 -5.39
C LYS A 158 17.94 -3.91 -4.06
N HIS A 159 16.90 -3.88 -3.23
CA HIS A 159 16.96 -3.27 -1.91
C HIS A 159 16.42 -4.28 -0.91
N ARG A 160 17.00 -4.31 0.28
CA ARG A 160 16.57 -5.18 1.35
C ARG A 160 16.45 -4.30 2.58
N ILE A 161 15.23 -4.11 3.06
CA ILE A 161 15.00 -3.24 4.20
C ILE A 161 14.27 -3.95 5.34
N LYS A 162 14.44 -3.43 6.56
CA LYS A 162 13.77 -3.99 7.71
C LYS A 162 12.80 -2.96 8.25
N LEU A 163 11.58 -3.40 8.49
CA LEU A 163 10.51 -2.52 8.97
C LEU A 163 9.90 -3.00 10.28
N LYS A 164 9.44 -2.04 11.07
CA LYS A 164 8.82 -2.35 12.35
C LYS A 164 7.74 -1.31 12.57
N GLY A 165 6.99 -1.47 13.66
CA GLY A 165 5.93 -0.54 13.98
C GLY A 165 4.96 -0.21 12.85
N TYR A 166 4.64 1.08 12.76
CA TYR A 166 3.71 1.60 11.77
C TYR A 166 4.12 1.29 10.33
N ASN A 167 5.38 1.54 10.00
CA ASN A 167 5.86 1.30 8.63
C ASN A 167 5.67 -0.15 8.19
N SER A 168 5.93 -1.07 9.10
CA SER A 168 5.79 -2.50 8.81
C SER A 168 4.34 -2.79 8.42
N ILE A 169 3.40 -2.20 9.17
CA ILE A 169 1.99 -2.40 8.90
C ILE A 169 1.60 -1.89 7.51
N VAL A 170 2.00 -0.66 7.21
CA VAL A 170 1.70 -0.03 5.94
C VAL A 170 2.20 -0.83 4.74
N VAL A 171 3.46 -1.26 4.79
CA VAL A 171 4.01 -2.02 3.68
C VAL A 171 3.28 -3.33 3.52
N GLN A 172 2.99 -4.01 4.63
CA GLN A 172 2.26 -5.28 4.58
C GLN A 172 0.87 -5.07 3.98
N HIS A 173 0.24 -3.94 4.30
CA HIS A 173 -1.09 -3.65 3.75
C HIS A 173 -1.00 -3.59 2.22
N GLU A 174 0.00 -2.89 1.72
CA GLU A 174 0.16 -2.77 0.28
C GLU A 174 0.54 -4.09 -0.39
N ILE A 175 1.46 -4.84 0.20
CA ILE A 175 1.85 -6.10 -0.41
C ILE A 175 0.61 -7.01 -0.46
N ASP A 176 -0.28 -6.89 0.52
CA ASP A 176 -1.49 -7.70 0.49
C ASP A 176 -2.29 -7.39 -0.77
N HIS A 177 -2.37 -6.11 -1.13
CA HIS A 177 -3.11 -5.72 -2.32
C HIS A 177 -2.61 -6.42 -3.57
N ILE A 178 -1.30 -6.62 -3.71
CA ILE A 178 -0.79 -7.27 -4.91
C ILE A 178 -0.95 -8.78 -4.85
N ASN A 179 -1.47 -9.28 -3.73
CA ASN A 179 -1.73 -10.70 -3.56
C ASN A 179 -3.23 -10.96 -3.43
N GLY A 180 -4.03 -9.94 -3.71
CA GLY A 180 -5.48 -10.05 -3.64
C GLY A 180 -6.08 -10.12 -2.24
N ILE A 181 -5.39 -9.56 -1.25
CA ILE A 181 -5.85 -9.57 0.13
C ILE A 181 -6.28 -8.18 0.62
N MET A 182 -7.40 -8.13 1.35
CA MET A 182 -7.94 -6.89 1.91
C MET A 182 -7.69 -6.88 3.42
N PHE A 183 -7.59 -5.69 4.00
CA PHE A 183 -7.30 -5.57 5.42
C PHE A 183 -8.27 -6.32 6.34
N TYR A 184 -9.57 -6.26 6.04
CA TYR A 184 -10.55 -6.94 6.88
C TYR A 184 -10.43 -8.46 6.85
N ASP A 185 -9.66 -8.99 5.91
CA ASP A 185 -9.46 -10.44 5.84
C ASP A 185 -8.67 -10.91 7.07
N ARG A 186 -7.92 -10.00 7.67
CA ARG A 186 -7.10 -10.32 8.83
C ARG A 186 -7.69 -9.88 10.16
N ILE A 187 -8.98 -9.58 10.16
CA ILE A 187 -9.66 -9.18 11.39
C ILE A 187 -10.41 -10.38 11.93
N ASN A 188 -10.16 -10.73 13.20
CA ASN A 188 -10.81 -11.88 13.81
C ASN A 188 -12.33 -11.76 13.72
N GLU A 189 -12.95 -12.73 13.06
CA GLU A 189 -14.39 -12.75 12.89
C GLU A 189 -15.11 -12.80 14.23
N LYS A 190 -14.83 -13.83 15.02
CA LYS A 190 -15.46 -14.00 16.33
C LYS A 190 -15.41 -12.71 17.14
N ASP A 191 -14.22 -12.30 17.53
CA ASP A 191 -14.05 -11.08 18.30
C ASP A 191 -13.02 -10.18 17.62
N PRO A 192 -13.48 -9.08 17.00
CA PRO A 192 -12.66 -8.10 16.28
C PRO A 192 -11.52 -7.50 17.11
N PHE A 193 -11.77 -7.27 18.39
CA PHE A 193 -10.74 -6.67 19.24
C PHE A 193 -10.09 -7.66 20.20
N ALA A 194 -10.02 -8.92 19.79
CA ALA A 194 -9.41 -9.95 20.61
C ALA A 194 -7.89 -9.77 20.61
N VAL A 195 -7.30 -9.82 21.80
CA VAL A 195 -5.85 -9.68 21.95
C VAL A 195 -5.21 -11.02 22.29
N LYS A 196 -4.73 -11.73 21.27
CA LYS A 196 -4.12 -13.03 21.44
C LYS A 196 -2.69 -12.94 21.97
N ASP A 197 -2.18 -14.06 22.46
CA ASP A 197 -0.83 -14.12 22.99
C ASP A 197 0.15 -13.88 21.83
N GLY A 198 1.07 -12.94 22.02
CA GLY A 198 2.04 -12.64 20.97
C GLY A 198 1.61 -11.53 20.04
N LEU A 199 0.46 -10.91 20.32
CA LEU A 199 -0.03 -9.81 19.48
C LEU A 199 0.24 -8.47 20.15
N LEU A 200 1.01 -7.63 19.47
CA LEU A 200 1.35 -6.31 19.98
C LEU A 200 0.40 -5.27 19.39
N ILE A 201 -0.27 -4.51 20.26
CA ILE A 201 -1.19 -3.47 19.81
C ILE A 201 -0.43 -2.14 19.80
N LEU A 202 -0.34 -1.53 18.63
CA LEU A 202 0.37 -0.27 18.47
C LEU A 202 -0.53 0.97 18.57
N GLU A 203 -0.13 1.92 19.41
CA GLU A 203 -0.89 3.15 19.58
C GLU A 203 -0.06 4.27 20.19
NI NI B . -5.66 -0.40 0.84
S SO4 C . 12.56 -11.11 15.13
O1 SO4 C . 11.42 -11.35 16.04
O2 SO4 C . 12.33 -9.88 14.35
O3 SO4 C . 12.70 -12.25 14.22
O4 SO4 C . 13.80 -10.95 15.93
C1 SB9 D . -2.54 2.80 7.60
N2 SB9 D . -2.76 3.29 6.35
C3 SB9 D . -2.73 2.45 5.26
C4 SB9 D . -2.49 1.06 5.36
C5 SB9 D . -2.26 0.50 6.62
C6 SB9 D . -2.28 1.45 7.86
C7 SB9 D . -2.60 3.80 8.72
C11 SB9 D . -2.98 3.11 3.93
C12 SB9 D . -4.47 3.11 3.52
C15 SB9 D . -4.69 3.50 2.04
N18 SB9 D . -4.89 2.30 1.22
O21 SB9 D . -6.16 1.76 1.08
C23 SB9 D . -3.81 1.72 0.62
O24 SB9 D . -3.88 0.71 -0.08
#